data_5O3R
#
_entry.id   5O3R
#
_cell.length_a   64.425
_cell.length_b   64.425
_cell.length_c   80.737
_cell.angle_alpha   90.00
_cell.angle_beta   90.00
_cell.angle_gamma   120.00
#
_symmetry.space_group_name_H-M   'P 32'
#
loop_
_entity.id
_entity.type
_entity.pdbx_description
1 polymer 'Membrane-associated protein slr1513'
2 non-polymer 'ADENOSINE MONOPHOSPHATE'
3 non-polymer 'BICARBONATE ION'
4 water water
#
_entity_poly.entity_id   1
_entity_poly.type   'polypeptide(L)'
_entity_poly.pdbx_seq_one_letter_code
;MAKPANKLVIVTEKILLKKIAKIIDESGAKGYTVMNTGGKGSRNVRSSGQPNTSDIEANIKFEILTETREMAEEIADRVA
VKYFNDYAGIIYICSAEVLYGHTFCGPEGCSAWSHPQFEK
;
_entity_poly.pdbx_strand_id   A,B,C
#
loop_
_chem_comp.id
_chem_comp.type
_chem_comp.name
_chem_comp.formula
AMP non-polymer 'ADENOSINE MONOPHOSPHATE' 'C10 H14 N5 O7 P'
BCT non-polymer 'BICARBONATE ION' 'C H O3 -1'
#
# COMPACT_ATOMS: atom_id res chain seq x y z
N ALA A 2 16.26 10.40 -5.63
CA ALA A 2 14.86 9.92 -5.64
C ALA A 2 14.06 10.76 -6.62
N LYS A 3 13.07 10.14 -7.25
CA LYS A 3 12.23 10.81 -8.24
CA LYS A 3 12.23 10.80 -8.24
C LYS A 3 10.79 10.81 -7.73
N PRO A 4 10.18 12.01 -7.59
CA PRO A 4 8.82 12.07 -7.15
C PRO A 4 7.95 11.28 -8.07
N ALA A 5 6.90 10.66 -7.51
CA ALA A 5 5.96 9.88 -8.27
C ALA A 5 4.57 9.98 -7.65
N ASN A 6 3.60 9.52 -8.40
CA ASN A 6 2.24 9.38 -7.95
C ASN A 6 1.90 7.87 -7.94
N LYS A 7 1.36 7.37 -6.82
CA LYS A 7 0.94 6.01 -6.75
C LYS A 7 -0.56 5.97 -6.82
N LEU A 8 -1.06 5.58 -7.98
CA LEU A 8 -2.47 5.46 -8.25
C LEU A 8 -2.87 4.06 -7.80
N VAL A 9 -3.97 3.96 -7.06
CA VAL A 9 -4.49 2.67 -6.63
C VAL A 9 -5.94 2.55 -7.07
N ILE A 10 -6.23 1.43 -7.70
CA ILE A 10 -7.55 1.12 -8.18
C ILE A 10 -7.97 -0.17 -7.53
N VAL A 11 -9.04 -0.12 -6.74
CA VAL A 11 -9.60 -1.36 -6.24
C VAL A 11 -10.94 -1.57 -6.93
N THR A 12 -11.16 -2.74 -7.52
CA THR A 12 -12.36 -2.93 -8.28
C THR A 12 -12.66 -4.43 -8.43
N GLU A 13 -13.60 -4.80 -9.29
CA GLU A 13 -14.03 -6.19 -9.34
C GLU A 13 -13.07 -7.02 -10.17
N LYS A 14 -12.95 -8.29 -9.77
CA LYS A 14 -11.98 -9.21 -10.36
C LYS A 14 -12.14 -9.34 -11.89
N ILE A 15 -13.39 -9.37 -12.37
CA ILE A 15 -13.69 -9.52 -13.81
C ILE A 15 -13.07 -8.41 -14.70
N LEU A 16 -12.78 -7.25 -14.12
CA LEU A 16 -12.26 -6.13 -14.93
C LEU A 16 -10.73 -6.15 -15.07
N LEU A 17 -10.10 -7.21 -14.57
CA LEU A 17 -8.64 -7.28 -14.56
C LEU A 17 -7.99 -6.91 -15.90
N LYS A 18 -8.29 -7.67 -16.94
CA LYS A 18 -7.68 -7.40 -18.26
C LYS A 18 -8.07 -6.04 -18.80
N LYS A 19 -9.32 -5.66 -18.58
CA LYS A 19 -9.81 -4.41 -19.13
C LYS A 19 -9.11 -3.23 -18.55
N ILE A 20 -8.88 -3.27 -17.24
CA ILE A 20 -8.18 -2.18 -16.62
C ILE A 20 -6.69 -2.21 -16.98
N ALA A 21 -6.10 -3.40 -17.04
CA ALA A 21 -4.70 -3.54 -17.47
C ALA A 21 -4.45 -2.91 -18.85
N LYS A 22 -5.39 -3.12 -19.76
CA LYS A 22 -5.31 -2.55 -21.10
C LYS A 22 -5.35 -1.01 -21.04
N ILE A 23 -6.27 -0.47 -20.24
CA ILE A 23 -6.31 0.98 -20.02
C ILE A 23 -5.01 1.56 -19.41
N ILE A 24 -4.42 0.88 -18.42
CA ILE A 24 -3.16 1.33 -17.86
C ILE A 24 -2.07 1.39 -18.92
N ASP A 25 -1.95 0.33 -19.72
CA ASP A 25 -0.96 0.30 -20.78
C ASP A 25 -1.20 1.42 -21.79
N GLU A 26 -2.44 1.60 -22.23
CA GLU A 26 -2.76 2.63 -23.23
C GLU A 26 -2.48 4.04 -22.73
N SER A 27 -2.32 4.24 -21.41
CA SER A 27 -2.04 5.55 -20.83
C SER A 27 -0.58 6.01 -20.94
N GLY A 28 0.34 5.10 -21.22
CA GLY A 28 1.75 5.42 -21.20
C GLY A 28 2.43 5.08 -19.90
N ALA A 29 1.68 4.61 -18.90
CA ALA A 29 2.32 4.16 -17.67
C ALA A 29 3.27 2.99 -17.95
N LYS A 30 4.35 2.94 -17.18
CA LYS A 30 5.50 2.07 -17.51
C LYS A 30 5.31 0.68 -16.93
N GLY A 31 4.35 0.54 -16.02
CA GLY A 31 4.16 -0.71 -15.34
C GLY A 31 3.06 -0.61 -14.32
N TYR A 32 2.71 -1.74 -13.75
CA TYR A 32 1.76 -1.78 -12.68
C TYR A 32 1.96 -3.07 -11.92
N THR A 33 1.44 -3.07 -10.70
CA THR A 33 1.37 -4.25 -9.88
C THR A 33 -0.14 -4.51 -9.64
N VAL A 34 -0.50 -5.78 -9.53
CA VAL A 34 -1.86 -6.15 -9.29
C VAL A 34 -1.90 -7.29 -8.30
N MET A 35 -2.92 -7.31 -7.44
CA MET A 35 -3.01 -8.37 -6.44
C MET A 35 -4.44 -8.68 -6.10
N ASN A 36 -4.62 -9.88 -5.61
CA ASN A 36 -5.94 -10.35 -5.24
C ASN A 36 -6.19 -9.86 -3.85
N THR A 37 -7.34 -9.24 -3.64
CA THR A 37 -7.74 -8.69 -2.38
C THR A 37 -9.14 -9.05 -2.06
N GLY A 38 -9.53 -8.78 -0.82
CA GLY A 38 -10.93 -8.88 -0.39
C GLY A 38 -11.35 -7.44 -0.06
N GLY A 39 -12.64 -7.19 -0.05
CA GLY A 39 -13.13 -5.90 0.38
C GLY A 39 -14.58 -5.93 0.80
N LYS A 40 -14.93 -4.99 1.66
CA LYS A 40 -16.32 -4.62 1.94
C LYS A 40 -16.46 -3.09 1.63
N GLY A 41 -17.60 -2.66 1.10
CA GLY A 41 -17.73 -1.27 0.60
C GLY A 41 -19.17 -0.88 0.27
N ASP A 55 -20.38 -8.76 4.18
CA ASP A 55 -19.52 -9.88 3.85
C ASP A 55 -18.38 -9.48 2.88
N ILE A 56 -17.16 -9.98 3.15
CA ILE A 56 -15.99 -9.68 2.32
C ILE A 56 -16.09 -10.37 0.97
N GLU A 57 -15.91 -9.63 -0.12
CA GLU A 57 -15.88 -10.25 -1.45
C GLU A 57 -14.57 -10.05 -2.19
N ALA A 58 -14.30 -10.99 -3.08
CA ALA A 58 -13.04 -11.08 -3.80
C ALA A 58 -12.94 -9.92 -4.76
N ASN A 59 -11.82 -9.24 -4.70
CA ASN A 59 -11.57 -8.22 -5.68
C ASN A 59 -10.11 -8.14 -6.02
N ILE A 60 -9.73 -7.11 -6.79
CA ILE A 60 -8.37 -6.89 -7.17
C ILE A 60 -7.98 -5.45 -6.92
N LYS A 61 -6.70 -5.29 -6.67
CA LYS A 61 -6.09 -4.01 -6.47
C LYS A 61 -4.91 -3.83 -7.42
N PHE A 62 -4.93 -2.71 -8.12
CA PHE A 62 -3.84 -2.30 -9.01
C PHE A 62 -3.14 -1.16 -8.31
N GLU A 63 -1.81 -1.15 -8.42
CA GLU A 63 -0.97 -0.02 -8.05
C GLU A 63 -0.14 0.35 -9.24
N ILE A 64 -0.23 1.64 -9.63
CA ILE A 64 0.45 2.16 -10.80
C ILE A 64 1.24 3.38 -10.37
N LEU A 65 2.56 3.31 -10.49
CA LEU A 65 3.35 4.51 -10.28
C LEU A 65 3.43 5.33 -11.56
N THR A 66 3.07 6.62 -11.50
CA THR A 66 3.19 7.51 -12.67
C THR A 66 4.11 8.68 -12.40
N GLU A 67 4.73 9.18 -13.46
CA GLU A 67 5.70 10.26 -13.31
C GLU A 67 4.95 11.56 -13.15
N THR A 68 3.77 11.64 -13.75
CA THR A 68 2.97 12.85 -13.63
C THR A 68 1.64 12.58 -13.00
N ARG A 69 1.07 13.62 -12.39
CA ARG A 69 -0.25 13.55 -11.81
C ARG A 69 -1.32 13.43 -12.90
N GLU A 70 -1.16 14.13 -14.03
CA GLU A 70 -2.18 14.02 -15.09
C GLU A 70 -2.30 12.60 -15.69
N MET A 71 -1.18 11.86 -15.77
CA MET A 71 -1.22 10.48 -16.27
C MET A 71 -2.04 9.60 -15.29
N ALA A 72 -1.78 9.73 -13.99
CA ALA A 72 -2.60 9.06 -13.00
C ALA A 72 -4.09 9.40 -13.10
N GLU A 73 -4.42 10.67 -13.26
CA GLU A 73 -5.83 11.03 -13.34
C GLU A 73 -6.45 10.60 -14.66
N GLU A 74 -5.68 10.60 -15.75
CA GLU A 74 -6.17 10.08 -17.03
C GLU A 74 -6.58 8.60 -16.91
N ILE A 75 -5.74 7.78 -16.27
CA ILE A 75 -6.09 6.39 -16.05
C ILE A 75 -7.35 6.33 -15.20
N ALA A 76 -7.33 7.08 -14.10
CA ALA A 76 -8.44 7.12 -13.17
C ALA A 76 -9.75 7.49 -13.85
N ASP A 77 -9.71 8.52 -14.70
CA ASP A 77 -10.91 9.03 -15.35
C ASP A 77 -11.46 7.99 -16.33
N ARG A 78 -10.57 7.32 -17.07
CA ARG A 78 -10.98 6.40 -18.11
C ARG A 78 -11.63 5.15 -17.50
N VAL A 79 -11.03 4.68 -16.41
CA VAL A 79 -11.59 3.54 -15.67
C VAL A 79 -12.99 3.87 -15.13
N ALA A 80 -13.12 5.02 -14.47
CA ALA A 80 -14.34 5.32 -13.73
C ALA A 80 -15.49 5.61 -14.68
N VAL A 81 -15.22 6.38 -15.73
CA VAL A 81 -16.26 6.66 -16.70
C VAL A 81 -16.69 5.36 -17.39
N LYS A 82 -15.74 4.52 -17.77
CA LYS A 82 -16.09 3.29 -18.49
C LYS A 82 -16.83 2.32 -17.55
N TYR A 83 -16.43 2.22 -16.28
CA TYR A 83 -16.90 1.14 -15.44
C TYR A 83 -17.63 1.45 -14.12
N PHE A 84 -17.42 2.59 -13.49
CA PHE A 84 -17.89 2.73 -12.09
C PHE A 84 -19.36 3.02 -11.89
N ASN A 85 -20.10 3.16 -12.98
CA ASN A 85 -21.53 3.13 -12.91
C ASN A 85 -22.08 1.73 -12.71
N ASP A 86 -21.32 0.73 -13.15
CA ASP A 86 -21.81 -0.64 -13.17
C ASP A 86 -21.04 -1.61 -12.27
N TYR A 87 -19.84 -1.22 -11.83
CA TYR A 87 -19.01 -2.10 -11.05
C TYR A 87 -18.58 -1.41 -9.76
N ALA A 88 -18.34 -2.20 -8.72
CA ALA A 88 -17.82 -1.67 -7.46
C ALA A 88 -16.37 -1.22 -7.66
N GLY A 89 -15.97 -0.16 -6.96
CA GLY A 89 -14.59 0.29 -7.00
C GLY A 89 -14.27 1.55 -6.20
N ILE A 90 -12.97 1.76 -5.97
CA ILE A 90 -12.46 3.02 -5.43
C ILE A 90 -11.10 3.28 -6.09
N ILE A 91 -10.82 4.55 -6.39
CA ILE A 91 -9.51 4.99 -6.94
C ILE A 91 -8.98 6.13 -6.11
N TYR A 92 -7.72 6.00 -5.69
CA TYR A 92 -7.10 6.99 -4.89
C TYR A 92 -5.65 7.08 -5.24
N ILE A 93 -4.98 8.10 -4.74
CA ILE A 93 -3.59 8.37 -5.04
C ILE A 93 -2.85 8.71 -3.78
N CYS A 94 -1.63 8.21 -3.69
CA CYS A 94 -0.69 8.53 -2.63
C CYS A 94 0.56 9.15 -3.24
N SER A 95 1.23 10.02 -2.51
CA SER A 95 2.51 10.51 -2.98
CA SER A 95 2.51 10.52 -2.98
C SER A 95 3.54 9.41 -2.76
N ALA A 96 4.53 9.34 -3.63
CA ALA A 96 5.61 8.37 -3.44
C ALA A 96 6.87 8.96 -4.03
N GLU A 97 8.01 8.39 -3.68
CA GLU A 97 9.22 8.65 -4.42
C GLU A 97 9.87 7.34 -4.85
N VAL A 98 10.28 7.28 -6.10
CA VAL A 98 10.93 6.09 -6.63
C VAL A 98 12.40 6.24 -6.38
N LEU A 99 12.99 5.23 -5.77
CA LEU A 99 14.42 5.24 -5.49
C LEU A 99 15.19 4.51 -6.56
N TYR A 100 14.65 3.38 -7.04
CA TYR A 100 15.26 2.58 -8.12
C TYR A 100 14.17 2.09 -9.02
N GLY A 101 14.48 2.07 -10.31
N GLY A 101 14.43 2.08 -10.33
CA GLY A 101 13.55 1.63 -11.35
CA GLY A 101 13.41 1.68 -11.32
C GLY A 101 14.24 1.79 -12.69
C GLY A 101 13.81 1.99 -12.76
N HIS A 102 14.27 0.74 -13.48
N HIS A 102 14.44 1.01 -13.41
CA HIS A 102 14.90 0.80 -14.78
CA HIS A 102 15.11 1.23 -14.71
C HIS A 102 14.19 1.85 -15.63
C HIS A 102 14.24 1.75 -15.86
N THR A 103 12.90 1.63 -15.79
CA THR A 103 12.11 2.27 -16.81
C THR A 103 11.55 3.57 -16.26
N PHE A 104 11.25 3.59 -14.96
CA PHE A 104 10.60 4.75 -14.41
C PHE A 104 11.49 5.95 -14.41
N CYS A 105 12.76 5.74 -14.12
CA CYS A 105 13.71 6.83 -13.98
C CYS A 105 14.55 7.04 -15.23
N GLY A 106 14.57 6.04 -16.11
CA GLY A 106 15.46 6.07 -17.28
C GLY A 106 16.89 5.65 -16.94
N PRO A 107 17.81 5.70 -17.94
CA PRO A 107 19.21 5.23 -17.85
C PRO A 107 20.11 5.88 -16.80
N GLU A 108 19.89 7.16 -16.50
CA GLU A 108 20.69 7.84 -15.48
C GLU A 108 20.22 7.59 -14.04
N GLY A 109 19.18 6.77 -13.86
CA GLY A 109 18.71 6.41 -12.52
C GLY A 109 17.87 7.50 -11.88
N CYS A 110 17.25 7.19 -10.75
CA CYS A 110 16.38 8.14 -10.07
C CYS A 110 17.18 9.15 -9.26
N ALA B 2 -10.63 15.78 -6.09
CA ALA B 2 -10.13 14.73 -5.19
C ALA B 2 -10.50 15.10 -3.75
N LYS B 3 -10.70 14.10 -2.94
CA LYS B 3 -11.12 14.28 -1.57
C LYS B 3 -10.00 13.73 -0.65
N PRO B 4 -9.45 14.58 0.24
CA PRO B 4 -8.41 14.09 1.16
C PRO B 4 -8.87 12.91 1.97
N ALA B 5 -7.93 12.02 2.29
CA ALA B 5 -8.23 10.83 3.02
C ALA B 5 -7.00 10.39 3.77
N ASN B 6 -7.23 9.77 4.92
CA ASN B 6 -6.22 9.05 5.61
C ASN B 6 -6.32 7.57 5.18
N LYS B 7 -5.21 7.01 4.77
CA LYS B 7 -5.18 5.60 4.48
C LYS B 7 -4.62 4.94 5.71
N LEU B 8 -5.52 4.31 6.47
CA LEU B 8 -5.12 3.58 7.64
C LEU B 8 -4.79 2.15 7.22
N VAL B 9 -3.63 1.68 7.65
CA VAL B 9 -3.15 0.33 7.35
C VAL B 9 -2.95 -0.42 8.66
N ILE B 10 -3.59 -1.58 8.77
CA ILE B 10 -3.40 -2.47 9.91
C ILE B 10 -2.83 -3.78 9.39
N VAL B 11 -1.66 -4.16 9.92
CA VAL B 11 -1.06 -5.44 9.58
C VAL B 11 -0.94 -6.22 10.86
N THR B 12 -1.58 -7.37 10.92
CA THR B 12 -1.55 -8.12 12.14
C THR B 12 -1.70 -9.59 11.82
N GLU B 13 -1.85 -10.36 12.89
CA GLU B 13 -1.87 -11.82 12.76
C GLU B 13 -3.21 -12.14 12.17
N LYS B 14 -3.19 -13.10 11.27
CA LYS B 14 -4.34 -13.42 10.49
C LYS B 14 -5.56 -13.85 11.25
N ILE B 15 -5.41 -14.46 12.41
CA ILE B 15 -6.58 -14.82 13.24
C ILE B 15 -7.51 -13.68 13.74
N LEU B 16 -7.03 -12.44 13.71
CA LEU B 16 -7.85 -11.30 14.16
C LEU B 16 -8.76 -10.71 13.08
N LEU B 17 -8.82 -11.37 11.91
CA LEU B 17 -9.55 -10.84 10.76
C LEU B 17 -10.96 -10.43 11.12
N LYS B 18 -11.71 -11.33 11.69
CA LYS B 18 -13.13 -11.06 11.97
C LYS B 18 -13.34 -9.98 13.05
N LYS B 19 -12.54 -10.04 14.08
CA LYS B 19 -12.60 -9.05 15.14
C LYS B 19 -12.27 -7.65 14.65
N ILE B 20 -11.27 -7.52 13.81
CA ILE B 20 -10.91 -6.24 13.28
C ILE B 20 -11.93 -5.76 12.26
N ALA B 21 -12.43 -6.64 11.39
CA ALA B 21 -13.49 -6.21 10.46
C ALA B 21 -14.67 -5.65 11.20
N LYS B 22 -15.09 -6.26 12.33
CA LYS B 22 -16.24 -5.76 13.06
CA LYS B 22 -16.20 -5.80 13.14
C LYS B 22 -15.91 -4.40 13.69
N ILE B 23 -14.69 -4.19 14.15
CA ILE B 23 -14.30 -2.85 14.65
C ILE B 23 -14.40 -1.82 13.54
N ILE B 24 -13.92 -2.17 12.36
CA ILE B 24 -14.03 -1.23 11.23
C ILE B 24 -15.48 -0.94 10.89
N ASP B 25 -16.29 -1.97 10.84
CA ASP B 25 -17.71 -1.77 10.53
C ASP B 25 -18.38 -0.89 11.58
N GLU B 26 -17.98 -1.04 12.84
CA GLU B 26 -18.57 -0.27 13.93
C GLU B 26 -18.10 1.17 13.98
N SER B 27 -17.07 1.50 13.23
CA SER B 27 -16.44 2.82 13.32
C SER B 27 -17.11 3.95 12.51
N GLY B 28 -17.97 3.59 11.57
CA GLY B 28 -18.42 4.53 10.54
C GLY B 28 -17.63 4.52 9.23
N ALA B 29 -16.47 3.86 9.16
CA ALA B 29 -15.74 3.79 7.91
C ALA B 29 -16.62 3.21 6.86
N LYS B 30 -16.44 3.70 5.64
CA LYS B 30 -17.31 3.36 4.55
C LYS B 30 -16.92 2.05 3.90
N GLY B 31 -15.79 1.51 4.25
CA GLY B 31 -15.41 0.24 3.67
C GLY B 31 -13.99 -0.06 4.00
N TYR B 32 -13.51 -1.18 3.48
CA TYR B 32 -12.14 -1.57 3.74
C TYR B 32 -11.67 -2.60 2.71
N THR B 33 -10.36 -2.67 2.55
CA THR B 33 -9.73 -3.66 1.71
C THR B 33 -8.89 -4.54 2.63
N VAL B 34 -8.88 -5.83 2.33
CA VAL B 34 -8.15 -6.76 3.13
C VAL B 34 -7.34 -7.68 2.22
N MET B 35 -6.15 -8.05 2.68
CA MET B 35 -5.38 -9.05 1.97
C MET B 35 -4.49 -9.92 2.81
N ASN B 36 -4.21 -11.11 2.28
CA ASN B 36 -3.31 -12.03 2.92
C ASN B 36 -1.87 -11.60 2.64
N THR B 37 -1.00 -11.65 3.66
CA THR B 37 0.38 -11.35 3.49
C THR B 37 1.24 -12.21 4.39
N GLY B 38 2.51 -12.28 4.06
CA GLY B 38 3.48 -12.94 4.92
C GLY B 38 4.12 -11.83 5.72
N GLY B 39 4.42 -12.10 6.97
CA GLY B 39 5.06 -11.15 7.85
C GLY B 39 6.20 -11.80 8.64
N LYS B 40 7.26 -11.02 8.85
CA LYS B 40 8.33 -11.35 9.78
C LYS B 40 8.46 -10.18 10.76
N GLY B 41 8.56 -10.50 12.04
CA GLY B 41 8.60 -9.47 13.08
C GLY B 41 9.36 -9.92 14.32
N SER B 54 11.95 -21.29 7.80
CA SER B 54 11.30 -20.01 7.55
C SER B 54 10.63 -19.36 8.78
N ASP B 55 10.90 -18.06 8.98
CA ASP B 55 10.36 -17.24 10.10
C ASP B 55 9.11 -16.47 9.69
N ILE B 56 8.71 -16.62 8.46
CA ILE B 56 7.59 -15.84 8.00
C ILE B 56 6.31 -16.48 8.57
N GLU B 57 5.34 -15.66 8.89
CA GLU B 57 4.05 -16.14 9.35
C GLU B 57 2.93 -15.51 8.55
N ALA B 58 1.76 -16.12 8.60
CA ALA B 58 0.56 -15.58 7.92
C ALA B 58 0.00 -14.38 8.62
N ASN B 59 -0.12 -13.28 7.89
CA ASN B 59 -0.67 -12.09 8.40
C ASN B 59 -1.84 -11.66 7.54
N ILE B 60 -2.52 -10.64 8.04
CA ILE B 60 -3.51 -9.97 7.23
CA ILE B 60 -3.57 -9.98 7.32
C ILE B 60 -3.24 -8.50 7.27
N LYS B 61 -3.49 -7.85 6.13
CA LYS B 61 -3.36 -6.41 6.06
C LYS B 61 -4.70 -5.83 5.66
N PHE B 62 -5.13 -4.84 6.44
CA PHE B 62 -6.35 -4.07 6.13
C PHE B 62 -5.90 -2.69 5.68
N GLU B 63 -6.63 -2.14 4.74
CA GLU B 63 -6.41 -0.77 4.34
C GLU B 63 -7.79 -0.13 4.44
N ILE B 64 -7.89 1.01 5.14
CA ILE B 64 -9.16 1.66 5.36
C ILE B 64 -8.96 3.15 5.05
N LEU B 65 -9.65 3.65 4.05
CA LEU B 65 -9.56 5.08 3.77
C LEU B 65 -10.62 5.76 4.62
N THR B 66 -10.21 6.75 5.41
CA THR B 66 -11.17 7.51 6.21
C THR B 66 -11.13 9.01 5.86
N GLU B 67 -12.27 9.65 5.97
CA GLU B 67 -12.38 11.08 5.71
C GLU B 67 -11.66 11.93 6.76
N THR B 68 -11.66 11.48 8.02
CA THR B 68 -11.00 12.24 9.09
C THR B 68 -9.89 11.45 9.77
N ARG B 69 -8.91 12.19 10.29
CA ARG B 69 -7.81 11.63 11.06
C ARG B 69 -8.38 10.98 12.32
N GLU B 70 -9.43 11.60 12.87
CA GLU B 70 -10.03 11.12 14.11
C GLU B 70 -10.64 9.75 13.97
N MET B 71 -11.37 9.51 12.88
CA MET B 71 -11.92 8.15 12.63
C MET B 71 -10.79 7.11 12.51
N ALA B 72 -9.71 7.46 11.81
CA ALA B 72 -8.60 6.54 11.67
C ALA B 72 -8.03 6.19 13.03
N GLU B 73 -7.81 7.22 13.83
CA GLU B 73 -7.31 7.05 15.19
C GLU B 73 -8.24 6.22 16.09
N GLU B 74 -9.54 6.45 16.02
CA GLU B 74 -10.49 5.63 16.74
C GLU B 74 -10.36 4.14 16.41
N ILE B 75 -10.25 3.82 15.12
CA ILE B 75 -10.08 2.42 14.73
C ILE B 75 -8.75 1.89 15.26
N ALA B 76 -7.65 2.60 15.03
CA ALA B 76 -6.31 2.20 15.49
C ALA B 76 -6.28 1.96 16.98
N ASP B 77 -6.83 2.92 17.72
CA ASP B 77 -6.87 2.85 19.17
C ASP B 77 -7.65 1.65 19.62
N ARG B 78 -8.76 1.40 18.98
CA ARG B 78 -9.61 0.31 19.45
C ARG B 78 -8.99 -1.10 19.18
N VAL B 79 -8.40 -1.26 18.02
CA VAL B 79 -7.71 -2.50 17.70
C VAL B 79 -6.56 -2.73 18.64
N ALA B 80 -5.75 -1.68 18.84
CA ALA B 80 -4.55 -1.80 19.62
C ALA B 80 -4.85 -2.10 21.07
N VAL B 81 -5.76 -1.33 21.67
CA VAL B 81 -6.14 -1.54 23.08
C VAL B 81 -6.67 -2.95 23.34
N LYS B 82 -7.38 -3.50 22.39
CA LYS B 82 -7.98 -4.82 22.58
C LYS B 82 -7.04 -5.98 22.30
N TYR B 83 -6.18 -5.80 21.30
CA TYR B 83 -5.41 -6.92 20.73
C TYR B 83 -3.91 -6.84 20.75
N PHE B 84 -3.32 -5.65 20.84
CA PHE B 84 -1.88 -5.55 20.61
C PHE B 84 -1.02 -5.91 21.80
N ASN B 85 -1.63 -6.17 22.94
CA ASN B 85 -0.88 -6.85 24.00
C ASN B 85 -0.62 -8.33 23.72
N ASP B 86 -1.56 -8.96 23.02
CA ASP B 86 -1.45 -10.40 22.79
C ASP B 86 -0.97 -10.80 21.41
N TYR B 87 -1.12 -9.92 20.43
CA TYR B 87 -0.87 -10.25 19.04
C TYR B 87 0.04 -9.24 18.45
N ALA B 88 0.88 -9.70 17.54
CA ALA B 88 1.79 -8.87 16.83
C ALA B 88 1.00 -8.00 15.85
N GLY B 89 1.43 -6.77 15.67
CA GLY B 89 0.79 -5.91 14.69
C GLY B 89 1.41 -4.55 14.58
N ILE B 90 1.09 -3.90 13.48
CA ILE B 90 1.52 -2.54 13.29
C ILE B 90 0.39 -1.82 12.65
N ILE B 91 0.27 -0.53 12.97
CA ILE B 91 -0.76 0.34 12.43
C ILE B 91 -0.14 1.63 12.05
N TYR B 92 -0.35 2.04 10.80
CA TYR B 92 0.17 3.30 10.32
C TYR B 92 -0.77 3.96 9.37
N ILE B 93 -0.48 5.22 9.08
CA ILE B 93 -1.32 5.99 8.20
C ILE B 93 -0.47 6.61 7.13
N CYS B 94 -1.05 6.70 5.93
CA CYS B 94 -0.47 7.44 4.79
C CYS B 94 -1.51 8.41 4.31
N SER B 95 -1.06 9.50 3.71
CA SER B 95 -1.97 10.46 3.17
C SER B 95 -2.34 9.93 1.82
N ALA B 96 -3.54 10.26 1.44
CA ALA B 96 -4.13 9.80 0.20
C ALA B 96 -5.14 10.84 -0.20
N GLU B 97 -5.48 10.82 -1.48
CA GLU B 97 -6.57 11.56 -2.03
C GLU B 97 -7.42 10.59 -2.83
N VAL B 98 -8.73 10.55 -2.56
CA VAL B 98 -9.67 9.74 -3.33
C VAL B 98 -10.20 10.46 -4.55
N LEU B 99 -10.01 9.86 -5.71
CA LEU B 99 -10.47 10.43 -6.97
C LEU B 99 -11.87 9.97 -7.33
N TYR B 100 -12.18 8.71 -7.04
CA TYR B 100 -13.48 8.12 -7.39
C TYR B 100 -13.81 7.13 -6.30
N GLY B 101 -15.05 7.18 -5.83
CA GLY B 101 -15.46 6.30 -4.77
C GLY B 101 -16.92 6.48 -4.47
N HIS B 102 -17.71 5.50 -4.87
CA HIS B 102 -19.18 5.52 -4.78
C HIS B 102 -19.65 6.05 -3.43
N THR B 103 -19.17 5.43 -2.37
CA THR B 103 -19.64 5.73 -1.03
C THR B 103 -18.74 6.74 -0.30
N PHE B 104 -17.44 6.73 -0.56
CA PHE B 104 -16.54 7.63 0.13
C PHE B 104 -16.81 9.09 -0.12
N CYS B 105 -17.07 9.45 -1.36
CA CYS B 105 -17.16 10.87 -1.68
C CYS B 105 -18.59 11.44 -1.66
N GLY B 106 -19.58 10.55 -1.81
CA GLY B 106 -20.98 10.94 -1.80
C GLY B 106 -21.51 11.02 -3.22
N PRO B 107 -22.83 11.24 -3.38
CA PRO B 107 -23.45 11.32 -4.71
C PRO B 107 -22.79 12.34 -5.66
N GLU B 108 -22.33 13.45 -5.13
CA GLU B 108 -21.73 14.49 -5.96
C GLU B 108 -20.26 14.21 -6.34
N GLY B 109 -19.75 13.03 -5.98
CA GLY B 109 -18.40 12.64 -6.36
C GLY B 109 -17.31 13.38 -5.60
N CYS B 110 -16.08 13.07 -5.95
CA CYS B 110 -14.94 13.55 -5.20
C CYS B 110 -14.42 14.92 -5.66
N SER B 111 -14.95 15.46 -6.74
CA SER B 111 -14.54 16.77 -7.23
C SER B 111 -15.68 17.75 -7.25
N ALA B 112 -16.41 17.85 -6.14
CA ALA B 112 -17.51 18.80 -6.02
C ALA B 112 -16.99 20.26 -5.95
N TRP B 113 -17.73 21.19 -6.54
CA TRP B 113 -17.40 22.62 -6.47
C TRP B 113 -18.29 23.30 -5.42
N SER B 114 -18.05 24.59 -5.16
CA SER B 114 -18.92 25.38 -4.29
C SER B 114 -19.97 26.10 -5.12
N ALA C 2 2.33 9.88 17.03
CA ALA C 2 2.69 8.99 15.92
C ALA C 2 4.16 9.18 15.71
N LYS C 3 4.80 8.18 15.13
CA LYS C 3 6.20 8.22 14.86
C LYS C 3 6.36 8.26 13.34
N PRO C 4 7.05 9.30 12.82
CA PRO C 4 7.37 9.37 11.37
C PRO C 4 8.10 8.13 10.91
N ALA C 5 7.74 7.63 9.73
CA ALA C 5 8.40 6.49 9.18
C ALA C 5 8.40 6.61 7.66
N ASN C 6 9.31 5.90 7.06
CA ASN C 6 9.30 5.68 5.64
C ASN C 6 8.76 4.30 5.40
N LYS C 7 7.84 4.17 4.49
CA LYS C 7 7.37 2.86 4.07
C LYS C 7 8.09 2.54 2.78
N LEU C 8 9.03 1.60 2.88
CA LEU C 8 9.85 1.20 1.74
C LEU C 8 9.18 0.03 1.08
N VAL C 9 8.98 0.17 -0.23
CA VAL C 9 8.33 -0.87 -0.99
C VAL C 9 9.31 -1.38 -2.06
N ILE C 10 9.41 -2.70 -2.19
CA ILE C 10 10.29 -3.34 -3.15
C ILE C 10 9.43 -4.34 -3.88
N VAL C 11 9.27 -4.15 -5.17
CA VAL C 11 8.51 -5.08 -6.02
C VAL C 11 9.51 -5.70 -6.98
N THR C 12 9.57 -7.01 -6.99
CA THR C 12 10.59 -7.70 -7.77
C THR C 12 10.19 -9.10 -8.12
N GLU C 13 11.12 -9.82 -8.71
CA GLU C 13 10.84 -11.18 -9.08
C GLU C 13 10.74 -12.07 -7.85
N LYS C 14 9.78 -12.97 -7.92
CA LYS C 14 9.50 -13.89 -6.81
C LYS C 14 10.69 -14.73 -6.33
N ILE C 15 11.56 -15.11 -7.25
CA ILE C 15 12.71 -15.93 -6.87
C ILE C 15 13.68 -15.23 -5.95
N LEU C 16 13.60 -13.92 -5.86
CA LEU C 16 14.48 -13.15 -4.99
C LEU C 16 14.01 -13.06 -3.53
N LEU C 17 12.92 -13.74 -3.17
CA LEU C 17 12.32 -13.53 -1.84
C LEU C 17 13.34 -13.74 -0.72
N LYS C 18 14.00 -14.88 -0.70
CA LYS C 18 14.89 -15.21 0.41
C LYS C 18 16.10 -14.28 0.42
N LYS C 19 16.58 -13.93 -0.77
CA LYS C 19 17.78 -13.12 -0.91
C LYS C 19 17.52 -11.69 -0.38
N ILE C 20 16.33 -11.18 -0.66
CA ILE C 20 16.00 -9.87 -0.24
C ILE C 20 15.61 -9.83 1.23
N ALA C 21 14.94 -10.88 1.71
CA ALA C 21 14.62 -10.98 3.14
C ALA C 21 15.91 -10.98 3.98
N LYS C 22 16.95 -11.60 3.46
CA LYS C 22 18.24 -11.65 4.14
C LYS C 22 18.80 -10.23 4.30
N ILE C 23 18.70 -9.44 3.24
CA ILE C 23 19.18 -8.07 3.28
C ILE C 23 18.40 -7.26 4.31
N ILE C 24 17.08 -7.39 4.28
CA ILE C 24 16.24 -6.66 5.20
C ILE C 24 16.57 -7.06 6.62
N ASP C 25 16.77 -8.35 6.86
CA ASP C 25 17.18 -8.87 8.16
C ASP C 25 18.50 -8.32 8.71
N GLU C 26 19.47 -8.10 7.83
CA GLU C 26 20.80 -7.59 8.23
C GLU C 26 20.80 -6.07 8.40
N SER C 27 19.79 -5.40 7.85
CA SER C 27 19.70 -3.93 7.84
C SER C 27 19.47 -3.30 9.18
N GLY C 28 18.91 -4.07 10.10
CA GLY C 28 18.42 -3.50 11.32
C GLY C 28 16.95 -3.18 11.25
N ALA C 29 16.31 -3.30 10.09
CA ALA C 29 14.84 -3.16 10.03
C ALA C 29 14.17 -4.10 11.01
N LYS C 30 13.04 -3.68 11.59
CA LYS C 30 12.45 -4.44 12.67
C LYS C 30 11.52 -5.56 12.18
N GLY C 31 11.17 -5.52 10.90
CA GLY C 31 10.29 -6.56 10.38
C GLY C 31 9.96 -6.17 8.98
N TYR C 32 9.12 -6.97 8.35
CA TYR C 32 8.72 -6.68 6.99
C TYR C 32 7.48 -7.47 6.72
N THR C 33 6.77 -7.02 5.71
CA THR C 33 5.67 -7.79 5.12
C THR C 33 6.08 -8.18 3.70
N VAL C 34 5.55 -9.27 3.19
CA VAL C 34 5.82 -9.69 1.82
C VAL C 34 4.65 -10.47 1.28
N MET C 35 4.33 -10.23 0.01
CA MET C 35 3.17 -10.87 -0.55
C MET C 35 3.39 -11.14 -1.99
N ASN C 36 2.69 -12.16 -2.47
CA ASN C 36 2.75 -12.56 -3.86
C ASN C 36 1.87 -11.58 -4.67
N THR C 37 2.39 -11.09 -5.79
CA THR C 37 1.66 -10.16 -6.63
C THR C 37 1.86 -10.51 -8.10
N GLY C 38 1.07 -9.91 -8.95
CA GLY C 38 1.29 -9.97 -10.40
C GLY C 38 1.85 -8.61 -10.80
N GLY C 39 2.51 -8.53 -11.94
CA GLY C 39 2.93 -7.24 -12.46
C GLY C 39 3.35 -7.25 -13.90
N LYS C 40 3.31 -6.08 -14.50
CA LYS C 40 3.90 -5.85 -15.81
C LYS C 40 4.88 -4.67 -15.62
N GLY C 41 6.03 -4.74 -16.27
CA GLY C 41 6.99 -3.64 -16.26
C GLY C 41 7.63 -3.39 -17.63
N ILE C 56 1.37 -10.72 -17.52
CA ILE C 56 1.46 -10.53 -16.05
C ILE C 56 2.47 -11.55 -15.46
N GLU C 57 3.55 -11.03 -14.88
CA GLU C 57 4.62 -11.84 -14.30
C GLU C 57 4.31 -12.20 -12.83
N ALA C 58 5.04 -13.17 -12.26
CA ALA C 58 4.90 -13.51 -10.82
C ALA C 58 5.93 -12.78 -10.03
N ASN C 59 5.41 -11.93 -9.16
CA ASN C 59 6.21 -10.96 -8.51
C ASN C 59 5.99 -11.16 -7.04
N ILE C 60 6.82 -10.48 -6.28
CA ILE C 60 6.57 -10.32 -4.86
C ILE C 60 6.71 -8.83 -4.53
N LYS C 61 6.01 -8.42 -3.49
CA LYS C 61 6.10 -7.05 -2.99
C LYS C 61 6.44 -7.15 -1.48
N PHE C 62 7.50 -6.48 -1.11
CA PHE C 62 7.93 -6.32 0.25
C PHE C 62 7.49 -4.92 0.71
N GLU C 63 7.11 -4.81 1.99
CA GLU C 63 6.85 -3.49 2.62
C GLU C 63 7.60 -3.51 3.91
N ILE C 64 8.45 -2.50 4.11
CA ILE C 64 9.32 -2.36 5.26
C ILE C 64 9.15 -0.94 5.80
N LEU C 65 8.71 -0.79 7.05
CA LEU C 65 8.68 0.54 7.72
C LEU C 65 10.01 0.76 8.35
N THR C 66 10.64 1.90 8.08
CA THR C 66 11.88 2.26 8.70
C THR C 66 11.75 3.59 9.45
N GLU C 67 12.54 3.70 10.49
CA GLU C 67 12.51 4.86 11.40
C GLU C 67 13.16 6.05 10.71
N THR C 68 14.19 5.77 9.94
CA THR C 68 14.92 6.82 9.24
C THR C 68 14.88 6.62 7.73
N ARG C 69 14.99 7.71 7.00
CA ARG C 69 15.16 7.68 5.56
C ARG C 69 16.49 6.99 5.17
N GLU C 70 17.55 7.24 5.95
CA GLU C 70 18.87 6.55 5.73
C GLU C 70 18.78 5.02 5.72
N MET C 71 18.06 4.44 6.67
CA MET C 71 17.88 2.97 6.68
C MET C 71 17.15 2.52 5.42
N ALA C 72 16.11 3.24 5.02
CA ALA C 72 15.34 2.86 3.84
C ALA C 72 16.22 2.95 2.60
N GLU C 73 16.98 4.02 2.50
CA GLU C 73 17.90 4.18 1.37
C GLU C 73 19.03 3.16 1.35
N GLU C 74 19.60 2.81 2.49
CA GLU C 74 20.64 1.76 2.54
C GLU C 74 20.09 0.40 2.10
N ILE C 75 18.90 0.02 2.57
CA ILE C 75 18.27 -1.23 2.12
C ILE C 75 18.04 -1.17 0.60
N ALA C 76 17.48 -0.07 0.13
CA ALA C 76 17.23 0.12 -1.30
C ALA C 76 18.51 0.01 -2.10
N ASP C 77 19.55 0.71 -1.67
CA ASP C 77 20.87 0.68 -2.32
C ASP C 77 21.42 -0.72 -2.41
N ARG C 78 21.42 -1.45 -1.29
CA ARG C 78 21.93 -2.81 -1.23
C ARG C 78 21.20 -3.75 -2.18
N VAL C 79 19.88 -3.70 -2.18
CA VAL C 79 19.04 -4.57 -3.02
C VAL C 79 19.22 -4.22 -4.48
N ALA C 80 19.21 -2.94 -4.81
CA ALA C 80 19.27 -2.53 -6.17
C ALA C 80 20.62 -2.84 -6.80
N VAL C 81 21.70 -2.57 -6.07
CA VAL C 81 23.05 -2.85 -6.58
C VAL C 81 23.23 -4.35 -6.74
N LYS C 82 22.80 -5.10 -5.74
CA LYS C 82 23.07 -6.52 -5.78
C LYS C 82 22.26 -7.26 -6.85
N TYR C 83 21.04 -6.80 -7.12
CA TYR C 83 20.12 -7.57 -7.94
C TYR C 83 19.48 -6.83 -9.11
N PHE C 84 19.31 -5.52 -9.04
CA PHE C 84 18.45 -4.87 -10.04
C PHE C 84 19.08 -4.50 -11.40
N ASN C 85 20.37 -4.74 -11.56
CA ASN C 85 20.93 -4.82 -12.89
C ASN C 85 20.80 -6.21 -13.53
N ASP C 86 20.32 -7.21 -12.81
CA ASP C 86 20.20 -8.58 -13.32
C ASP C 86 18.79 -9.16 -13.27
N TYR C 87 17.92 -8.50 -12.49
CA TYR C 87 16.56 -8.95 -12.26
C TYR C 87 15.67 -7.71 -12.31
N ALA C 88 14.38 -7.92 -12.54
CA ALA C 88 13.43 -6.83 -12.66
C ALA C 88 13.11 -6.35 -11.24
N GLY C 89 12.87 -5.07 -11.08
CA GLY C 89 12.65 -4.56 -9.73
C GLY C 89 12.36 -3.10 -9.73
N ILE C 90 11.49 -2.70 -8.81
CA ILE C 90 11.27 -1.26 -8.54
C ILE C 90 11.29 -1.09 -7.04
N ILE C 91 11.79 0.06 -6.59
CA ILE C 91 11.87 0.41 -5.17
C ILE C 91 11.36 1.83 -4.99
N TYR C 92 10.41 2.00 -4.07
CA TYR C 92 9.87 3.29 -3.79
C TYR C 92 9.54 3.45 -2.32
N ILE C 93 9.31 4.68 -1.93
CA ILE C 93 9.00 5.03 -0.57
C ILE C 93 7.75 5.90 -0.50
N CYS C 94 6.94 5.67 0.52
CA CYS C 94 5.85 6.58 0.91
C CYS C 94 6.13 7.12 2.32
N SER C 95 5.71 8.34 2.61
CA SER C 95 5.77 8.82 3.97
C SER C 95 4.69 8.11 4.74
N ALA C 96 4.95 7.84 6.00
CA ALA C 96 3.96 7.19 6.84
C ALA C 96 4.15 7.67 8.26
N GLU C 97 3.08 7.55 9.02
CA GLU C 97 3.11 7.78 10.45
C GLU C 97 2.68 6.48 11.14
N VAL C 98 3.50 5.96 12.04
CA VAL C 98 3.17 4.75 12.76
C VAL C 98 2.44 5.13 14.03
N LEU C 99 1.22 4.62 14.19
CA LEU C 99 0.43 4.84 15.38
C LEU C 99 0.71 3.82 16.46
N TYR C 100 0.87 2.57 16.05
CA TYR C 100 1.13 1.47 16.97
C TYR C 100 2.08 0.47 16.34
N GLY C 101 3.04 0.00 17.13
CA GLY C 101 3.97 -0.99 16.62
C GLY C 101 4.95 -1.32 17.72
N HIS C 102 4.74 -2.45 18.38
CA HIS C 102 5.50 -2.77 19.58
C HIS C 102 7.03 -2.72 19.29
N THR C 103 7.46 -3.32 18.21
CA THR C 103 8.89 -3.37 17.94
C THR C 103 9.35 -2.07 17.27
N PHE C 104 8.56 -1.57 16.34
CA PHE C 104 8.96 -0.39 15.59
C PHE C 104 9.18 0.81 16.50
N CYS C 105 8.24 1.09 17.37
CA CYS C 105 8.36 2.26 18.17
C CYS C 105 9.14 2.02 19.46
N GLY C 106 9.29 0.75 19.86
CA GLY C 106 9.99 0.38 21.09
C GLY C 106 9.18 0.70 22.33
N PRO C 107 9.79 0.56 23.52
CA PRO C 107 9.20 0.92 24.82
C PRO C 107 8.65 2.34 24.97
N GLU C 108 9.35 3.34 24.39
CA GLU C 108 8.92 4.75 24.46
C GLU C 108 7.63 5.03 23.67
N GLY C 109 7.12 3.99 22.99
CA GLY C 109 5.87 4.06 22.26
C GLY C 109 6.03 4.91 21.02
N CYS C 110 4.94 5.02 20.27
CA CYS C 110 4.94 5.74 19.01
C CYS C 110 4.76 7.27 19.22
N SER C 111 5.53 7.83 20.15
CA SER C 111 5.43 9.25 20.56
C SER C 111 3.96 9.74 20.50
N ALA C 112 3.11 9.18 21.34
CA ALA C 112 1.66 9.40 21.23
C ALA C 112 1.27 10.88 21.22
N TRP C 113 2.02 11.71 21.98
CA TRP C 113 1.72 13.13 22.08
C TRP C 113 2.71 14.05 21.36
N SER C 114 3.43 13.53 20.37
CA SER C 114 4.36 14.35 19.59
C SER C 114 3.68 14.79 18.30
P AMP D . -17.62 0.00 -3.24
O1P AMP D . -17.67 0.14 -4.74
O2P AMP D . -17.71 1.37 -2.57
O3P AMP D . -18.48 -1.09 -2.64
O5' AMP D . -16.10 -0.55 -2.98
C5' AMP D . -15.47 -1.60 -3.70
C4' AMP D . -14.18 -1.99 -3.00
O4' AMP D . -13.34 -0.83 -2.83
C3' AMP D . -14.41 -2.55 -1.60
O3' AMP D . -14.75 -3.94 -1.58
C2' AMP D . -13.11 -2.25 -0.90
O2' AMP D . -12.08 -3.21 -1.23
C1' AMP D . -12.73 -0.92 -1.52
N9 AMP D . -13.18 0.18 -0.66
C8 AMP D . -14.37 0.85 -0.66
N7 AMP D . -14.36 1.83 0.30
C5 AMP D . -13.15 1.80 0.88
C6 AMP D . -12.45 2.55 1.94
N6 AMP D . -13.09 3.55 2.59
N1 AMP D . -11.19 2.16 2.25
C2 AMP D . -10.54 1.13 1.64
N3 AMP D . -11.09 0.40 0.65
C4 AMP D . -12.37 0.70 0.26
P AMP E . 10.47 -3.80 -14.25
O1P AMP E . 10.10 -4.97 -15.15
O2P AMP E . 11.84 -3.86 -13.62
O3P AMP E . 10.16 -2.48 -14.94
O5' AMP E . 9.47 -3.93 -12.99
C5' AMP E . 9.42 -5.06 -12.11
C4' AMP E . 8.06 -5.10 -11.45
O4' AMP E . 7.90 -3.92 -10.68
C3' AMP E . 6.87 -5.13 -12.42
O3' AMP E . 6.59 -6.45 -12.85
C2' AMP E . 5.77 -4.42 -11.66
O2' AMP E . 4.96 -5.23 -10.76
C1' AMP E . 6.57 -3.39 -10.84
N9 AMP E . 6.55 -2.09 -11.56
C8 AMP E . 7.40 -1.69 -12.54
N7 AMP E . 7.05 -0.44 -12.97
C5 AMP E . 5.98 -0.05 -12.26
C6 AMP E . 5.11 1.16 -12.20
N6 AMP E . 5.37 2.20 -13.02
N1 AMP E . 4.10 1.12 -11.32
C2 AMP E . 3.86 0.09 -10.45
N3 AMP E . 4.61 -1.03 -10.45
C4 AMP E . 5.65 -1.14 -11.32
P AMP F . 4.90 -5.97 16.63
P AMP F . 5.80 -7.97 15.14
O1P AMP F . 6.17 -6.76 16.89
O1P AMP F . 6.97 -7.02 15.22
O2P AMP F . 5.11 -4.56 16.10
O2P AMP F . 6.18 -9.43 15.27
O3P AMP F . 3.84 -6.18 17.67
O3P AMP F . 4.65 -7.54 16.05
O5' AMP F . 4.26 -6.72 15.36
O5' AMP F . 5.24 -7.75 13.63
C5' AMP F . 5.02 -7.04 14.19
C5' AMP F . 3.90 -8.05 13.21
C4' AMP F . 4.07 -7.52 13.09
C4' AMP F . 3.72 -8.00 11.69
O4' AMP F . 3.59 -6.39 12.38
O4' AMP F . 3.59 -6.66 11.22
C3' AMP F . 4.71 -8.40 12.03
C3' AMP F . 4.92 -8.59 10.94
O3' AMP F . 3.83 -9.49 11.69
O3' AMP F . 4.77 -9.98 10.66
C2' AMP F . 4.94 -7.53 10.81
C2' AMP F . 5.04 -7.73 9.67
O2' AMP F . 4.20 -8.01 9.69
O2' AMP F . 4.32 -8.24 8.55
C1' AMP F . 4.42 -6.17 11.24
C1' AMP F . 4.42 -6.42 10.08
N9 AMP F . 5.58 -5.28 11.57
N9 AMP F . 5.63 -5.61 10.37
C8 AMP F . 6.19 -5.07 12.77
C8 AMP F . 6.36 -5.60 11.51
N7 AMP F . 7.21 -4.18 12.66
N7 AMP F . 7.42 -4.75 11.41
C5 AMP F . 7.25 -3.79 11.36
C5 AMP F . 7.37 -4.20 10.17
C6 AMP F . 8.05 -2.88 10.52
C6 AMP F . 8.20 -3.24 9.39
N6 AMP F . 9.06 -2.18 11.11
N6 AMP F . 9.32 -2.62 9.88
N1 AMP F . 7.77 -2.81 9.18
N1 AMP F . 7.78 -2.97 8.15
C2 AMP F . 6.77 -3.50 8.60
C2 AMP F . 6.68 -3.54 7.59
N3 AMP F . 5.98 -4.35 9.30
N3 AMP F . 5.89 -4.42 8.22
C4 AMP F . 6.18 -4.53 10.64
C4 AMP F . 6.19 -4.79 9.48
C BCT G . 4.88 -15.02 0.83
O1 BCT G . 5.44 -16.04 1.30
O2 BCT G . 4.03 -14.36 1.47
O3 BCT G . 5.18 -14.59 -0.39
#